data_8RXL
#
_entry.id   8RXL
#
_cell.length_a   122.922
_cell.length_b   61.651
_cell.length_c   80.111
_cell.angle_alpha   90.00
_cell.angle_beta   117.51
_cell.angle_gamma   90.00
#
_symmetry.space_group_name_H-M   'C 1 2 1'
#
loop_
_entity.id
_entity.type
_entity.pdbx_description
1 polymer 'Transcriptional enhancer factor TEF-4'
2 non-polymer 4-(5-phenylmethoxy-1~{H}-indol-3-yl)butan-2-one
3 non-polymer GLYCEROL
4 water water
#
_entity_poly.entity_id   1
_entity_poly.type   'polypeptide(L)'
_entity_poly.pdbx_seq_one_letter_code
;PAWQARGLGTARLQLVEFSAFVEPPDAVDSYQRHLFVHISQHCPSPGAPPLESVDVRQIYDKFPEKKGGLRELYDRGPPH
AFFLVKFWADLNWGPSGEEAGAGGSISSGGFYGVSSQYESLEHMTLTCSSKVCSFGKQVVEKVETERAQLEDGRFVYRLL
RSPMCEYLVNFLHKLRQLPERYMMNSVLENFTILQVVTNRDTQELLLCTAYVFEVSTSERGAQHHIYRLVRDVEHHHHHH
;
_entity_poly.pdbx_strand_id   B,A
#
# COMPACT_ATOMS: atom_id res chain seq x y z
N PRO A 1 12.56 26.54 -20.94
CA PRO A 1 13.39 26.45 -22.13
C PRO A 1 13.07 25.11 -22.81
N ALA A 2 14.07 24.30 -23.15
CA ALA A 2 13.88 22.87 -23.39
C ALA A 2 14.16 22.14 -22.05
N TRP A 3 14.68 20.90 -22.11
CA TRP A 3 14.81 20.02 -20.92
C TRP A 3 13.46 19.56 -20.31
N GLN A 4 12.39 19.73 -21.10
CA GLN A 4 11.02 19.45 -20.69
C GLN A 4 10.73 18.06 -21.21
N ALA A 5 9.85 17.35 -20.51
CA ALA A 5 9.62 15.95 -20.82
C ALA A 5 8.83 15.80 -22.12
N ARG A 6 9.15 14.71 -22.82
CA ARG A 6 8.43 14.27 -24.00
C ARG A 6 7.51 13.04 -23.72
N GLY A 7 7.73 12.32 -22.61
CA GLY A 7 6.84 11.23 -22.18
C GLY A 7 6.68 11.21 -20.67
N LEU A 8 6.04 10.17 -20.15
CA LEU A 8 5.86 10.02 -18.72
C LEU A 8 7.11 9.40 -18.14
N GLY A 9 8.05 10.26 -17.79
CA GLY A 9 9.30 9.81 -17.25
C GLY A 9 10.20 10.99 -16.93
N THR A 10 11.22 10.69 -16.16
CA THR A 10 12.33 11.60 -15.90
C THR A 10 13.58 10.92 -16.42
N ALA A 11 14.71 11.62 -16.32
CA ALA A 11 16.02 11.04 -16.65
C ALA A 11 16.44 9.88 -15.74
N ARG A 12 15.96 9.90 -14.49
CA ARG A 12 16.18 8.83 -13.53
C ARG A 12 15.17 7.68 -13.57
N LEU A 13 14.00 7.89 -14.17
CA LEU A 13 12.96 6.89 -14.11
C LEU A 13 11.86 7.14 -15.12
N GLN A 14 11.83 6.27 -16.10
CA GLN A 14 10.89 6.32 -17.19
C GLN A 14 9.87 5.22 -16.95
N LEU A 15 8.61 5.50 -17.25
CA LEU A 15 7.61 4.46 -17.34
C LEU A 15 7.77 3.80 -18.68
N VAL A 16 7.73 2.48 -18.66
CA VAL A 16 7.85 1.70 -19.87
C VAL A 16 6.45 1.33 -20.26
N GLU A 17 5.74 0.73 -19.32
CA GLU A 17 4.41 0.24 -19.55
C GLU A 17 3.56 0.27 -18.29
N PHE A 18 2.27 0.57 -18.49
CA PHE A 18 1.27 0.42 -17.46
C PHE A 18 0.00 -0.12 -18.11
N SER A 19 -0.68 -1.05 -17.44
CA SER A 19 -1.97 -1.52 -17.90
C SER A 19 -2.79 -2.04 -16.74
N ALA A 20 -4.10 -1.86 -16.80
CA ALA A 20 -5.03 -2.47 -15.84
C ALA A 20 -5.97 -3.29 -16.68
N PHE A 21 -6.27 -4.51 -16.24
CA PHE A 21 -6.91 -5.44 -17.15
C PHE A 21 -7.74 -6.48 -16.46
N VAL A 22 -8.46 -7.26 -17.26
CA VAL A 22 -9.17 -8.44 -16.77
C VAL A 22 -9.10 -9.56 -17.81
N GLU A 23 -8.83 -10.77 -17.33
CA GLU A 23 -8.76 -11.96 -18.17
C GLU A 23 -9.92 -12.79 -17.68
N PRO A 24 -10.86 -13.17 -18.56
CA PRO A 24 -12.04 -13.87 -18.05
C PRO A 24 -11.74 -15.30 -17.67
N PRO A 25 -12.65 -15.96 -16.95
CA PRO A 25 -12.41 -17.35 -16.48
C PRO A 25 -12.13 -18.38 -17.58
N ASP A 26 -12.57 -18.09 -18.81
CA ASP A 26 -12.28 -18.92 -19.99
C ASP A 26 -10.95 -18.60 -20.72
N ALA A 27 -10.17 -17.63 -20.22
CA ALA A 27 -8.85 -17.28 -20.79
C ALA A 27 -7.86 -18.47 -20.72
N VAL A 28 -8.05 -19.30 -19.70
CA VAL A 28 -7.38 -20.60 -19.57
C VAL A 28 -7.43 -21.47 -20.85
N ASP A 29 -8.59 -21.53 -21.51
CA ASP A 29 -8.81 -22.42 -22.66
C ASP A 29 -8.58 -21.70 -23.99
N SER A 30 -9.03 -20.46 -24.09
CA SER A 30 -8.53 -19.56 -25.14
C SER A 30 -8.23 -18.20 -24.54
N TYR A 31 -6.98 -17.75 -24.70
CA TYR A 31 -6.51 -16.58 -23.99
C TYR A 31 -7.12 -15.30 -24.52
N GLN A 32 -7.37 -14.36 -23.61
CA GLN A 32 -7.89 -13.03 -23.93
C GLN A 32 -7.72 -12.15 -22.68
N ARG A 33 -7.24 -10.92 -22.84
CA ARG A 33 -7.34 -9.93 -21.78
C ARG A 33 -8.10 -8.72 -22.26
N HIS A 34 -8.84 -8.07 -21.36
CA HIS A 34 -9.51 -6.83 -21.66
C HIS A 34 -8.70 -5.75 -20.93
N LEU A 35 -8.34 -4.69 -21.66
CA LEU A 35 -7.64 -3.54 -21.11
C LEU A 35 -8.62 -2.40 -20.79
N PHE A 36 -8.73 -2.05 -19.51
CA PHE A 36 -9.47 -0.87 -19.09
C PHE A 36 -8.65 0.41 -19.46
N VAL A 37 -7.36 0.43 -19.15
CA VAL A 37 -6.46 1.54 -19.51
C VAL A 37 -5.13 0.96 -19.79
N HIS A 38 -4.32 1.70 -20.53
CA HIS A 38 -3.07 1.17 -21.08
C HIS A 38 -2.18 2.33 -21.46
N ILE A 39 -0.91 2.31 -21.06
CA ILE A 39 0.10 3.23 -21.58
C ILE A 39 1.29 2.41 -22.04
N SER A 40 1.77 2.67 -23.25
CA SER A 40 2.97 2.02 -23.76
C SER A 40 3.96 3.07 -24.26
N GLN A 41 5.19 3.01 -23.76
CA GLN A 41 6.24 3.93 -24.20
C GLN A 41 7.51 3.15 -24.63
N HIS A 42 7.62 2.81 -25.90
CA HIS A 42 8.76 2.05 -26.45
C HIS A 42 9.59 2.83 -27.49
N PRO A 49 8.69 16.05 -29.50
CA PRO A 49 7.72 17.13 -29.18
C PRO A 49 7.39 17.20 -27.68
N PRO A 50 7.50 18.38 -27.03
CA PRO A 50 7.18 18.41 -25.57
C PRO A 50 5.69 18.15 -25.30
N LEU A 51 5.39 17.74 -24.07
CA LEU A 51 4.00 17.48 -23.66
C LEU A 51 3.36 18.77 -23.22
N GLU A 52 2.03 18.76 -23.19
CA GLU A 52 1.24 19.95 -22.87
C GLU A 52 1.29 19.98 -21.38
N SER A 53 1.06 21.15 -20.79
CA SER A 53 1.08 21.26 -19.34
C SER A 53 -0.28 21.66 -18.77
N VAL A 54 -0.45 21.38 -17.47
CA VAL A 54 -1.66 21.67 -16.72
C VAL A 54 -1.22 22.17 -15.35
N ASP A 55 -1.88 23.21 -14.85
CA ASP A 55 -1.52 23.82 -13.60
C ASP A 55 -2.05 22.95 -12.45
N VAL A 56 -1.12 22.50 -11.62
CA VAL A 56 -1.42 21.60 -10.51
C VAL A 56 -2.38 22.20 -9.49
N ARG A 57 -2.39 23.54 -9.38
CA ARG A 57 -3.30 24.19 -8.41
C ARG A 57 -4.73 23.87 -8.76
N GLN A 58 -5.02 23.73 -10.07
CA GLN A 58 -6.37 23.40 -10.55
C GLN A 58 -6.93 22.03 -10.08
N ILE A 59 -6.09 21.10 -9.65
CA ILE A 59 -6.58 19.75 -9.29
C ILE A 59 -6.31 19.32 -7.84
N TYR A 60 -5.81 20.21 -7.00
CA TYR A 60 -5.60 19.91 -5.57
C TYR A 60 -6.79 19.26 -4.87
N ASP A 61 -7.95 19.83 -5.15
CA ASP A 61 -9.21 19.42 -4.51
C ASP A 61 -9.69 18.02 -4.89
N LYS A 62 -9.13 17.46 -5.97
CA LYS A 62 -9.43 16.10 -6.40
C LYS A 62 -8.54 15.07 -5.74
N PHE A 63 -7.54 15.51 -4.96
CA PHE A 63 -6.63 14.58 -4.23
C PHE A 63 -6.55 14.81 -2.71
N PRO A 64 -6.11 13.77 -1.95
CA PRO A 64 -6.02 13.94 -0.49
C PRO A 64 -5.07 15.07 -0.13
N GLU A 65 -5.32 15.72 1.01
CA GLU A 65 -4.51 16.85 1.51
C GLU A 65 -3.91 16.44 2.88
N LYS A 66 -3.44 17.41 3.67
CA LYS A 66 -2.66 17.13 4.88
C LYS A 66 -1.33 16.48 4.43
N LYS A 67 -0.94 15.31 4.96
CA LYS A 67 0.30 14.62 4.51
C LYS A 67 0.03 14.02 3.09
N GLY A 68 0.82 13.03 2.68
CA GLY A 68 1.05 12.65 1.25
C GLY A 68 0.05 12.96 0.15
N GLY A 69 -0.38 14.22 0.12
CA GLY A 69 -1.35 14.71 -0.82
C GLY A 69 -0.63 15.56 -1.84
N LEU A 70 -1.35 16.00 -2.88
CA LEU A 70 -0.69 16.65 -4.01
C LEU A 70 0.10 17.91 -3.67
N ARG A 71 -0.47 18.74 -2.80
CA ARG A 71 0.11 20.04 -2.53
C ARG A 71 1.47 19.88 -1.85
N GLU A 72 1.54 18.99 -0.86
CA GLU A 72 2.78 18.79 -0.10
C GLU A 72 3.80 18.01 -0.87
N LEU A 73 3.36 17.05 -1.67
CA LEU A 73 4.29 16.38 -2.61
C LEU A 73 4.92 17.38 -3.59
N TYR A 74 4.12 18.28 -4.17
CA TYR A 74 4.67 19.30 -5.09
C TYR A 74 5.65 20.28 -4.39
N ASP A 75 5.32 20.71 -3.18
CA ASP A 75 6.22 21.57 -2.38
C ASP A 75 7.54 20.86 -2.06
N ARG A 76 7.44 19.60 -1.66
CA ARG A 76 8.60 18.72 -1.48
C ARG A 76 9.39 18.52 -2.81
N GLY A 77 8.67 18.34 -3.91
CA GLY A 77 9.27 18.26 -5.24
C GLY A 77 10.00 16.94 -5.49
N PRO A 78 10.77 16.85 -6.61
CA PRO A 78 11.12 17.91 -7.54
C PRO A 78 10.03 18.14 -8.59
N PRO A 79 9.82 19.40 -9.03
CA PRO A 79 8.65 19.73 -9.86
C PRO A 79 8.54 18.97 -11.19
N HIS A 80 9.69 18.74 -11.83
CA HIS A 80 9.69 18.05 -13.11
C HIS A 80 9.23 16.57 -13.04
N ALA A 81 9.03 16.01 -11.85
CA ALA A 81 8.56 14.61 -11.71
C ALA A 81 7.04 14.41 -11.67
N PHE A 82 6.26 15.47 -11.89
CA PHE A 82 4.80 15.44 -11.75
C PHE A 82 4.03 15.42 -13.09
N PHE A 83 3.17 14.41 -13.27
CA PHE A 83 2.46 14.19 -14.49
C PHE A 83 1.00 13.98 -14.18
N LEU A 84 0.17 14.28 -15.17
CA LEU A 84 -1.24 14.06 -15.13
C LEU A 84 -1.60 13.19 -16.33
N VAL A 85 -2.30 12.09 -16.08
CA VAL A 85 -2.81 11.25 -17.15
C VAL A 85 -4.30 11.32 -17.15
N LYS A 86 -4.88 11.73 -18.27
CA LYS A 86 -6.31 11.60 -18.46
C LYS A 86 -6.53 10.28 -19.22
N PHE A 87 -7.46 9.47 -18.73
CA PHE A 87 -7.78 8.20 -19.33
C PHE A 87 -9.21 8.23 -19.80
N TRP A 88 -9.44 7.66 -21.00
CA TRP A 88 -10.74 7.23 -21.41
C TRP A 88 -10.73 5.73 -21.30
N ALA A 89 -11.49 5.23 -20.35
CA ALA A 89 -11.44 3.83 -19.97
C ALA A 89 -12.49 3.03 -20.71
N ASP A 90 -12.12 1.81 -21.10
CA ASP A 90 -12.96 0.94 -21.86
C ASP A 90 -13.64 0.03 -20.88
N LEU A 91 -14.94 0.28 -20.64
CA LEU A 91 -15.71 -0.50 -19.63
C LEU A 91 -16.70 -1.46 -20.28
N ASN A 92 -16.33 -1.92 -21.47
CA ASN A 92 -17.18 -2.74 -22.30
C ASN A 92 -16.53 -4.09 -22.36
N TRP A 93 -16.90 -4.97 -21.44
CA TRP A 93 -16.50 -6.37 -21.51
C TRP A 93 -17.59 -7.27 -20.91
N GLY A 109 -16.31 -13.22 -12.57
CA GLY A 109 -15.34 -13.77 -11.63
C GLY A 109 -14.03 -14.19 -12.28
N GLY A 110 -13.48 -13.32 -13.15
CA GLY A 110 -12.20 -13.54 -13.81
C GLY A 110 -11.08 -12.93 -12.97
N PHE A 111 -9.93 -12.61 -13.60
CA PHE A 111 -8.75 -12.05 -12.91
C PHE A 111 -8.53 -10.58 -13.22
N TYR A 112 -8.55 -9.76 -12.19
CA TYR A 112 -8.35 -8.33 -12.33
C TYR A 112 -6.94 -7.99 -11.86
N GLY A 113 -6.14 -7.48 -12.78
CA GLY A 113 -4.77 -7.13 -12.48
C GLY A 113 -4.30 -5.81 -12.99
N VAL A 114 -3.10 -5.45 -12.53
CA VAL A 114 -2.41 -4.19 -12.81
C VAL A 114 -0.92 -4.48 -13.02
N SER A 115 -0.35 -4.03 -14.14
CA SER A 115 1.05 -4.30 -14.46
C SER A 115 1.73 -2.97 -14.78
N SER A 116 2.88 -2.77 -14.14
CA SER A 116 3.72 -1.60 -14.35
C SER A 116 5.15 -2.06 -14.61
N GLN A 117 5.84 -1.30 -15.43
CA GLN A 117 7.25 -1.51 -15.63
C GLN A 117 7.89 -0.14 -15.80
N TYR A 118 9.00 0.06 -15.13
CA TYR A 118 9.82 1.27 -15.27
C TYR A 118 11.29 0.91 -15.59
N GLU A 119 12.06 1.91 -16.00
CA GLU A 119 13.47 1.71 -16.33
C GLU A 119 14.28 2.84 -15.75
N SER A 120 15.52 2.53 -15.33
CA SER A 120 16.46 3.59 -14.99
C SER A 120 17.87 3.29 -15.43
N LEU A 121 18.67 4.36 -15.47
CA LEU A 121 20.10 4.24 -15.58
C LEU A 121 20.70 3.70 -14.29
N GLU A 122 20.14 4.01 -13.13
CA GLU A 122 20.74 3.62 -11.83
C GLU A 122 19.97 2.51 -11.11
N HIS A 123 20.67 1.82 -10.22
CA HIS A 123 20.15 0.73 -9.37
C HIS A 123 19.55 1.29 -8.07
N MET A 124 18.23 1.10 -7.90
CA MET A 124 17.52 1.58 -6.72
C MET A 124 16.59 0.49 -6.29
N THR A 125 16.10 0.59 -5.07
CA THR A 125 14.92 -0.14 -4.70
C THR A 125 13.86 0.94 -4.72
N LEU A 126 12.75 0.65 -5.38
CA LEU A 126 11.62 1.56 -5.49
C LEU A 126 10.54 1.22 -4.50
N THR A 127 9.88 2.25 -3.99
CA THR A 127 8.58 2.10 -3.38
C THR A 127 7.51 2.72 -4.30
N CYS A 128 6.48 1.94 -4.62
CA CYS A 128 5.41 2.37 -5.47
C CYS A 128 4.19 2.34 -4.67
N SER A 129 3.62 3.52 -4.45
CA SER A 129 2.34 3.65 -3.76
C SER A 129 1.23 4.06 -4.73
N SER A 130 0.11 3.34 -4.74
CA SER A 130 -1.08 3.73 -5.48
C SER A 130 -2.26 4.01 -4.52
N LYS A 131 -2.68 5.27 -4.45
CA LYS A 131 -3.75 5.73 -3.54
C LYS A 131 -5.05 6.00 -4.31
N VAL A 132 -6.03 5.11 -4.21
CA VAL A 132 -7.38 5.37 -4.76
C VAL A 132 -8.13 6.41 -3.89
N CYS A 133 -8.78 7.37 -4.55
CA CYS A 133 -9.49 8.46 -3.85
C CYS A 133 -10.89 8.67 -4.39
N SER A 134 -11.83 8.93 -3.50
CA SER A 134 -13.22 9.23 -3.86
C SER A 134 -13.57 10.59 -3.25
N PHE A 135 -13.99 11.54 -4.10
CA PHE A 135 -14.23 12.93 -3.70
C PHE A 135 -12.98 13.51 -3.01
N GLY A 136 -11.82 13.30 -3.64
CA GLY A 136 -10.55 13.77 -3.10
C GLY A 136 -10.03 13.15 -1.80
N LYS A 137 -10.63 12.06 -1.34
CA LYS A 137 -10.28 11.47 -0.04
C LYS A 137 -9.92 10.00 -0.23
N GLN A 138 -8.77 9.61 0.33
CA GLN A 138 -8.25 8.25 0.16
C GLN A 138 -9.20 7.19 0.69
N VAL A 139 -9.38 6.14 -0.08
CA VAL A 139 -10.23 5.01 0.27
C VAL A 139 -9.39 3.74 0.41
N VAL A 140 -8.62 3.39 -0.63
CA VAL A 140 -7.60 2.36 -0.52
C VAL A 140 -6.23 2.85 -0.98
N GLU A 141 -5.20 2.12 -0.57
CA GLU A 141 -3.82 2.44 -0.86
C GLU A 141 -3.03 1.16 -0.92
N LYS A 142 -2.29 0.93 -2.01
CA LYS A 142 -1.36 -0.21 -2.06
C LYS A 142 0.06 0.28 -2.18
N VAL A 143 0.96 -0.31 -1.42
CA VAL A 143 2.35 0.09 -1.42
C VAL A 143 3.18 -1.16 -1.63
N GLU A 144 3.93 -1.23 -2.73
CA GLU A 144 4.83 -2.36 -3.03
C GLU A 144 6.22 -1.82 -3.19
N THR A 145 7.23 -2.68 -3.01
CA THR A 145 8.59 -2.27 -3.31
C THR A 145 9.12 -3.21 -4.37
N GLU A 146 10.10 -2.73 -5.12
CA GLU A 146 10.73 -3.51 -6.17
C GLU A 146 12.21 -3.12 -6.27
N ARG A 147 13.07 -4.11 -6.06
CA ARG A 147 14.50 -3.98 -6.32
C ARG A 147 14.74 -4.06 -7.84
N ALA A 148 15.75 -3.32 -8.31
CA ALA A 148 16.18 -3.34 -9.72
C ALA A 148 16.72 -4.71 -10.24
N GLN A 149 16.56 -4.97 -11.54
CA GLN A 149 17.22 -6.08 -12.22
C GLN A 149 17.92 -5.54 -13.43
N LEU A 150 19.26 -5.59 -13.42
CA LEU A 150 20.08 -5.04 -14.49
C LEU A 150 19.88 -5.91 -15.70
N GLU A 151 19.49 -5.26 -16.80
CA GLU A 151 19.37 -5.88 -18.10
C GLU A 151 20.21 -5.06 -19.10
N ASP A 152 20.09 -5.33 -20.40
CA ASP A 152 21.01 -4.78 -21.44
C ASP A 152 21.34 -3.27 -21.35
N GLY A 153 22.24 -2.90 -20.44
CA GLY A 153 22.51 -1.47 -20.11
C GLY A 153 21.67 -0.97 -18.94
N ARG A 154 20.34 -0.80 -19.17
CA ARG A 154 19.39 -0.21 -18.21
C ARG A 154 19.08 -1.16 -17.08
N PHE A 155 18.62 -0.59 -15.97
CA PHE A 155 17.95 -1.33 -14.95
C PHE A 155 16.49 -1.41 -15.28
N VAL A 156 15.83 -2.43 -14.74
CA VAL A 156 14.41 -2.60 -15.00
C VAL A 156 13.67 -3.00 -13.72
N TYR A 157 12.45 -2.51 -13.61
CA TYR A 157 11.64 -2.68 -12.42
C TYR A 157 10.30 -3.25 -12.83
N ARG A 158 9.99 -4.47 -12.43
CA ARG A 158 8.77 -5.16 -12.90
C ARG A 158 7.79 -5.33 -11.79
N LEU A 159 6.59 -4.75 -11.92
CA LEU A 159 5.49 -5.01 -10.97
C LEU A 159 4.32 -5.52 -11.77
N LEU A 160 4.41 -6.77 -12.20
CA LEU A 160 3.48 -7.31 -13.15
C LEU A 160 2.41 -8.09 -12.46
N ARG A 161 1.21 -8.02 -13.03
CA ARG A 161 0.06 -8.78 -12.55
C ARG A 161 -0.24 -8.63 -11.07
N SER A 162 -0.03 -7.45 -10.49
CA SER A 162 -0.49 -7.21 -9.10
C SER A 162 -2.01 -7.36 -9.11
N PRO A 163 -2.56 -8.14 -8.18
CA PRO A 163 -4.05 -8.20 -8.17
C PRO A 163 -4.70 -6.84 -7.87
N MET A 164 -5.78 -6.53 -8.56
CA MET A 164 -6.49 -5.27 -8.33
C MET A 164 -7.18 -5.30 -6.94
N CYS A 165 -7.08 -4.21 -6.16
CA CYS A 165 -7.89 -4.08 -4.91
C CYS A 165 -9.36 -4.41 -5.16
N GLU A 166 -9.94 -5.25 -4.30
CA GLU A 166 -11.36 -5.53 -4.38
C GLU A 166 -12.24 -4.26 -4.41
N TYR A 167 -11.77 -3.15 -3.84
CA TYR A 167 -12.43 -1.86 -4.01
C TYR A 167 -12.63 -1.49 -5.48
N LEU A 168 -11.54 -1.46 -6.25
CA LEU A 168 -11.65 -1.15 -7.66
C LEU A 168 -12.48 -2.19 -8.37
N VAL A 169 -12.24 -3.45 -8.09
CA VAL A 169 -13.00 -4.48 -8.81
C VAL A 169 -14.51 -4.26 -8.63
N ASN A 170 -14.93 -4.02 -7.39
CA ASN A 170 -16.32 -3.72 -7.12
C ASN A 170 -16.81 -2.40 -7.73
N PHE A 171 -15.96 -1.37 -7.69
CA PHE A 171 -16.25 -0.13 -8.38
C PHE A 171 -16.55 -0.40 -9.85
N LEU A 172 -15.67 -1.16 -10.51
CA LEU A 172 -15.81 -1.42 -11.95
C LEU A 172 -17.12 -2.09 -12.26
N HIS A 173 -17.46 -3.15 -11.54
CA HIS A 173 -18.73 -3.85 -11.78
C HIS A 173 -19.95 -2.95 -11.62
N LYS A 174 -19.88 -2.08 -10.62
CA LYS A 174 -20.95 -1.10 -10.38
C LYS A 174 -21.03 -0.07 -11.49
N LEU A 175 -19.88 0.49 -11.86
CA LEU A 175 -19.78 1.49 -12.92
C LEU A 175 -20.32 0.92 -14.25
N ARG A 176 -19.83 -0.25 -14.62
CA ARG A 176 -20.31 -1.02 -15.80
C ARG A 176 -21.84 -1.10 -15.96
N GLN A 177 -22.55 -1.20 -14.85
CA GLN A 177 -24.00 -1.39 -14.88
C GLN A 177 -24.86 -0.11 -15.04
N LEU A 178 -24.26 1.07 -14.89
CA LEU A 178 -24.97 2.32 -15.00
C LEU A 178 -25.50 2.48 -16.41
N PRO A 179 -26.71 3.03 -16.55
CA PRO A 179 -27.38 2.98 -17.86
C PRO A 179 -26.97 4.06 -18.84
N GLU A 180 -26.11 4.99 -18.46
CA GLU A 180 -25.79 6.12 -19.33
C GLU A 180 -24.35 6.50 -19.15
N ARG A 181 -23.63 6.62 -20.26
CA ARG A 181 -22.28 7.15 -20.21
C ARG A 181 -22.15 8.44 -19.43
N TYR A 182 -23.13 9.32 -19.52
CA TYR A 182 -22.95 10.59 -18.84
C TYR A 182 -22.97 10.36 -17.32
N MET A 183 -23.74 9.36 -16.86
CA MET A 183 -23.72 9.00 -15.42
C MET A 183 -22.37 8.39 -14.99
N MET A 184 -21.86 7.47 -15.79
CA MET A 184 -20.50 6.99 -15.60
C MET A 184 -19.53 8.13 -15.49
N ASN A 185 -19.61 9.09 -16.39
CA ASN A 185 -18.69 10.25 -16.27
C ASN A 185 -18.91 11.18 -15.10
N SER A 186 -20.16 11.27 -14.61
CA SER A 186 -20.43 12.09 -13.43
C SER A 186 -19.77 11.41 -12.25
N VAL A 187 -20.02 10.10 -12.12
CA VAL A 187 -19.41 9.31 -11.06
C VAL A 187 -17.90 9.35 -11.12
N LEU A 188 -17.33 9.19 -12.31
CA LEU A 188 -15.86 9.25 -12.44
C LEU A 188 -15.28 10.62 -12.19
N GLU A 189 -16.10 11.66 -12.27
CA GLU A 189 -15.60 13.01 -12.03
C GLU A 189 -14.98 13.12 -10.64
N ASN A 190 -15.48 12.29 -9.73
CA ASN A 190 -15.04 12.29 -8.33
C ASN A 190 -14.04 11.16 -7.95
N PHE A 191 -13.49 10.46 -8.95
CA PHE A 191 -12.70 9.27 -8.72
C PHE A 191 -11.32 9.44 -9.28
N THR A 192 -10.32 9.38 -8.42
CA THR A 192 -8.95 9.68 -8.83
C THR A 192 -7.93 8.71 -8.22
N ILE A 193 -6.74 8.65 -8.84
CA ILE A 193 -5.67 7.80 -8.40
C ILE A 193 -4.38 8.60 -8.42
N LEU A 194 -3.59 8.49 -7.36
CA LEU A 194 -2.25 9.09 -7.31
C LEU A 194 -1.20 7.98 -7.12
N GLN A 195 -0.23 7.93 -8.03
CA GLN A 195 0.91 7.04 -7.96
C GLN A 195 2.13 7.82 -7.60
N VAL A 196 2.76 7.40 -6.51
CA VAL A 196 4.01 7.98 -6.02
C VAL A 196 5.07 6.84 -5.95
N VAL A 197 6.15 7.10 -6.66
CA VAL A 197 7.28 6.21 -6.73
C VAL A 197 8.45 6.95 -6.10
N THR A 198 9.09 6.33 -5.11
CA THR A 198 10.21 6.96 -4.45
C THR A 198 11.34 5.98 -4.35
N ASN A 199 12.56 6.50 -4.31
CA ASN A 199 13.73 5.69 -3.96
C ASN A 199 13.55 5.31 -2.50
N ARG A 200 13.23 4.04 -2.25
CA ARG A 200 13.03 3.52 -0.90
C ARG A 200 14.22 3.80 0.05
N ASP A 201 15.45 3.82 -0.45
CA ASP A 201 16.60 4.05 0.43
C ASP A 201 16.75 5.54 0.75
N THR A 202 16.90 6.35 -0.28
CA THR A 202 17.05 7.80 -0.07
C THR A 202 15.77 8.54 0.32
N GLN A 203 14.59 7.95 0.07
CA GLN A 203 13.30 8.66 0.18
C GLN A 203 13.04 9.73 -0.91
N GLU A 204 13.97 9.96 -1.83
CA GLU A 204 13.77 10.93 -2.89
C GLU A 204 12.55 10.49 -3.71
N LEU A 205 11.71 11.45 -4.09
CA LEU A 205 10.57 11.24 -4.97
C LEU A 205 11.05 11.17 -6.40
N LEU A 206 10.63 10.13 -7.13
CA LEU A 206 11.09 9.90 -8.52
C LEU A 206 10.05 10.18 -9.60
N LEU A 207 8.79 9.93 -9.28
CA LEU A 207 7.70 10.08 -10.27
C LEU A 207 6.41 10.23 -9.49
N CYS A 208 5.62 11.21 -9.84
CA CYS A 208 4.32 11.36 -9.25
C CYS A 208 3.32 11.56 -10.36
N THR A 209 2.30 10.69 -10.39
CA THR A 209 1.34 10.69 -11.45
C THR A 209 -0.09 10.74 -10.95
N ALA A 210 -0.78 11.83 -11.23
CA ALA A 210 -2.24 11.94 -11.00
C ALA A 210 -3.04 11.39 -12.20
N TYR A 211 -4.03 10.55 -11.91
CA TYR A 211 -4.95 10.01 -12.91
C TYR A 211 -6.38 10.53 -12.74
N VAL A 212 -6.97 11.06 -13.81
CA VAL A 212 -8.38 11.42 -13.83
C VAL A 212 -8.99 10.62 -14.93
N PHE A 213 -10.29 10.37 -14.84
CA PHE A 213 -10.91 9.32 -15.63
C PHE A 213 -12.21 9.75 -16.34
N GLU A 214 -12.38 9.31 -17.57
CA GLU A 214 -13.67 9.27 -18.25
C GLU A 214 -13.85 7.88 -18.81
N VAL A 215 -15.05 7.59 -19.25
CA VAL A 215 -15.32 6.35 -19.96
C VAL A 215 -15.25 6.65 -21.46
N SER A 216 -14.61 5.79 -22.26
CA SER A 216 -14.72 5.89 -23.72
C SER A 216 -15.95 5.08 -24.22
N THR A 217 -16.28 5.24 -25.50
CA THR A 217 -17.49 4.67 -26.11
C THR A 217 -17.28 3.26 -26.66
N SER A 218 -17.76 2.24 -25.94
CA SER A 218 -18.01 0.90 -26.49
C SER A 218 -16.91 0.37 -27.45
N GLU A 219 -16.97 0.85 -28.70
CA GLU A 219 -16.08 0.42 -29.82
C GLU A 219 -14.80 1.26 -30.03
N ARG A 220 -14.74 2.47 -29.46
CA ARG A 220 -13.43 3.04 -29.13
C ARG A 220 -12.99 2.35 -27.83
N GLY A 221 -11.74 1.93 -27.84
CA GLY A 221 -11.17 1.31 -26.66
C GLY A 221 -10.51 2.37 -25.81
N ALA A 222 -9.62 1.90 -24.95
CA ALA A 222 -8.95 2.77 -24.01
C ALA A 222 -8.06 3.75 -24.73
N GLN A 223 -8.11 5.02 -24.35
CA GLN A 223 -7.12 6.02 -24.79
C GLN A 223 -6.68 6.81 -23.57
N HIS A 224 -5.64 7.60 -23.76
CA HIS A 224 -5.07 8.47 -22.74
C HIS A 224 -4.36 9.69 -23.33
N HIS A 225 -4.05 10.64 -22.48
CA HIS A 225 -3.33 11.85 -22.85
C HIS A 225 -2.55 12.25 -21.59
N ILE A 226 -1.25 12.49 -21.76
CA ILE A 226 -0.33 12.74 -20.70
C ILE A 226 0.03 14.22 -20.68
N TYR A 227 -0.09 14.88 -19.52
CA TYR A 227 0.31 16.28 -19.32
C TYR A 227 1.44 16.38 -18.29
N ARG A 228 2.30 17.38 -18.41
CA ARG A 228 3.18 17.81 -17.31
C ARG A 228 2.39 18.65 -16.30
N LEU A 229 2.65 18.46 -15.00
CA LEU A 229 2.09 19.33 -13.94
C LEU A 229 3.07 20.44 -13.52
N VAL A 230 2.61 21.69 -13.63
CA VAL A 230 3.47 22.89 -13.45
C VAL A 230 2.84 23.92 -12.52
N ARG A 231 3.60 24.96 -12.23
CA ARG A 231 3.16 26.02 -11.33
C ARG A 231 4.03 27.26 -11.49
N GLY B 7 7.09 -16.41 23.74
CA GLY B 7 7.26 -15.19 22.89
C GLY B 7 6.32 -15.15 21.68
N LEU B 8 6.34 -14.04 20.95
CA LEU B 8 5.70 -13.97 19.63
C LEU B 8 6.60 -14.64 18.58
N GLY B 9 6.23 -15.84 18.15
CA GLY B 9 7.00 -16.60 17.19
C GLY B 9 6.68 -18.08 17.10
N THR B 10 7.40 -18.75 16.20
CA THR B 10 7.45 -20.22 16.11
C THR B 10 8.92 -20.67 16.10
N ALA B 11 9.14 -21.97 15.92
CA ALA B 11 10.50 -22.52 15.65
C ALA B 11 11.16 -21.82 14.46
N ARG B 12 10.38 -21.65 13.40
CA ARG B 12 10.90 -21.11 12.15
C ARG B 12 11.23 -19.62 12.15
N LEU B 13 10.42 -18.81 12.83
CA LEU B 13 10.60 -17.35 12.86
C LEU B 13 10.07 -16.75 14.15
N GLN B 14 10.84 -15.86 14.75
CA GLN B 14 10.45 -15.20 15.97
C GLN B 14 10.60 -13.71 15.73
N LEU B 15 9.68 -12.94 16.33
CA LEU B 15 9.83 -11.50 16.40
C LEU B 15 10.79 -11.20 17.50
N VAL B 16 11.74 -10.28 17.28
CA VAL B 16 12.76 -9.88 18.27
C VAL B 16 12.44 -8.49 18.85
N GLU B 17 12.13 -7.53 17.97
CA GLU B 17 11.69 -6.19 18.35
C GLU B 17 10.74 -5.58 17.34
N PHE B 18 9.73 -4.87 17.82
CA PHE B 18 8.83 -4.11 16.97
C PHE B 18 8.56 -2.74 17.58
N SER B 19 8.60 -1.71 16.73
CA SER B 19 8.54 -0.33 17.16
C SER B 19 7.73 0.53 16.15
N ALA B 20 6.86 1.39 16.66
CA ALA B 20 6.26 2.45 15.83
C ALA B 20 6.54 3.72 16.55
N PHE B 21 7.07 4.70 15.83
CA PHE B 21 7.67 5.86 16.50
C PHE B 21 7.62 7.13 15.69
N VAL B 22 7.92 8.23 16.37
CA VAL B 22 8.16 9.53 15.71
C VAL B 22 9.36 10.23 16.34
N GLU B 23 10.04 11.04 15.56
CA GLU B 23 11.21 11.78 16.05
C GLU B 23 11.38 13.12 15.33
N PRO B 24 11.93 14.14 16.03
CA PRO B 24 12.01 15.49 15.46
C PRO B 24 13.07 15.62 14.36
N ARG B 33 13.21 10.32 19.76
CA ARG B 33 12.37 9.14 19.52
C ARG B 33 11.22 9.01 20.54
N HIS B 34 9.99 9.19 20.06
CA HIS B 34 8.80 8.82 20.84
C HIS B 34 8.21 7.52 20.26
N LEU B 35 7.90 6.58 21.16
CA LEU B 35 7.42 5.28 20.78
C LEU B 35 5.94 5.24 21.05
N PHE B 36 5.15 4.99 20.02
CA PHE B 36 3.70 4.89 20.22
C PHE B 36 3.43 3.53 20.77
N VAL B 37 4.11 2.54 20.17
CA VAL B 37 4.19 1.20 20.72
C VAL B 37 5.61 0.61 20.57
N HIS B 38 5.87 -0.42 21.38
CA HIS B 38 7.21 -1.02 21.49
C HIS B 38 7.06 -2.44 22.06
N ILE B 39 7.49 -3.43 21.30
CA ILE B 39 7.76 -4.76 21.83
C ILE B 39 9.27 -5.02 21.80
N SER B 40 9.85 -5.40 22.94
CA SER B 40 11.22 -5.92 22.99
C SER B 40 11.25 -7.26 23.69
N GLN B 41 12.10 -8.15 23.21
CA GLN B 41 12.14 -9.53 23.69
C GLN B 41 13.58 -10.05 23.81
N PRO B 49 6.50 -17.77 31.25
CA PRO B 49 5.15 -18.37 31.32
C PRO B 49 4.47 -18.54 29.93
N PRO B 50 3.60 -19.60 29.75
CA PRO B 50 2.95 -19.78 28.42
C PRO B 50 1.89 -18.73 28.11
N LEU B 51 1.80 -18.30 26.85
CA LEU B 51 0.88 -17.20 26.44
C LEU B 51 -0.60 -17.56 26.54
N GLU B 52 -1.40 -16.61 27.05
CA GLU B 52 -2.84 -16.80 27.14
C GLU B 52 -3.41 -17.01 25.74
N SER B 53 -4.25 -18.02 25.59
CA SER B 53 -4.97 -18.29 24.37
C SER B 53 -6.06 -17.23 24.12
N VAL B 54 -6.48 -17.07 22.86
CA VAL B 54 -7.69 -16.30 22.48
C VAL B 54 -8.30 -16.95 21.24
N ASP B 55 -9.63 -17.02 21.21
CA ASP B 55 -10.32 -17.69 20.12
C ASP B 55 -10.45 -16.80 18.89
N VAL B 56 -10.02 -17.33 17.75
CA VAL B 56 -10.05 -16.58 16.52
C VAL B 56 -11.47 -16.17 16.10
N ARG B 57 -12.50 -17.01 16.32
CA ARG B 57 -13.91 -16.64 15.98
C ARG B 57 -14.23 -15.26 16.53
N GLN B 58 -13.73 -15.00 17.74
CA GLN B 58 -13.92 -13.73 18.42
C GLN B 58 -13.47 -12.42 17.70
N ILE B 59 -12.71 -12.48 16.61
CA ILE B 59 -12.30 -11.25 15.92
C ILE B 59 -12.41 -11.27 14.38
N TYR B 60 -13.24 -12.15 13.81
CA TYR B 60 -13.56 -12.18 12.33
C TYR B 60 -14.16 -10.84 11.90
N ASP B 61 -15.11 -10.39 12.73
CA ASP B 61 -15.62 -9.02 12.83
C ASP B 61 -14.65 -7.90 12.38
N LYS B 62 -13.41 -7.94 12.89
CA LYS B 62 -12.50 -6.79 12.85
C LYS B 62 -11.61 -6.64 11.61
N PHE B 63 -11.57 -7.65 10.73
CA PHE B 63 -10.70 -7.66 9.53
C PHE B 63 -11.54 -8.10 8.33
N PRO B 64 -11.12 -7.76 7.09
CA PRO B 64 -11.98 -8.12 5.95
C PRO B 64 -12.19 -9.63 5.80
N GLU B 65 -13.23 -10.00 5.06
CA GLU B 65 -13.41 -11.36 4.59
C GLU B 65 -13.04 -11.36 3.09
N LYS B 66 -11.93 -10.67 2.77
CA LYS B 66 -11.54 -10.33 1.39
C LYS B 66 -10.41 -11.25 0.98
N LYS B 67 -10.78 -12.41 0.44
CA LYS B 67 -9.84 -13.42 -0.09
C LYS B 67 -8.77 -13.79 0.95
N GLY B 68 -7.83 -12.86 1.19
CA GLY B 68 -6.87 -12.97 2.30
C GLY B 68 -7.37 -12.30 3.57
N GLY B 69 -8.59 -12.64 3.97
CA GLY B 69 -9.16 -12.22 5.24
C GLY B 69 -8.77 -13.26 6.27
N LEU B 70 -8.63 -12.80 7.53
CA LEU B 70 -8.22 -13.65 8.66
C LEU B 70 -8.86 -15.05 8.68
N ARG B 71 -10.14 -15.10 8.35
CA ARG B 71 -10.91 -16.36 8.24
C ARG B 71 -10.25 -17.37 7.28
N GLU B 72 -10.02 -16.94 6.03
CA GLU B 72 -9.36 -17.77 5.03
C GLU B 72 -7.95 -18.20 5.47
N LEU B 73 -7.14 -17.27 5.96
CA LEU B 73 -5.75 -17.59 6.37
C LEU B 73 -5.68 -18.67 7.45
N TYR B 74 -6.52 -18.58 8.48
CA TYR B 74 -6.52 -19.57 9.57
C TYR B 74 -6.93 -20.96 9.06
N ASP B 75 -7.95 -21.01 8.17
CA ASP B 75 -8.38 -22.25 7.50
C ASP B 75 -7.25 -23.02 6.85
N ARG B 76 -6.44 -22.29 6.06
CA ARG B 76 -5.21 -22.85 5.48
C ARG B 76 -4.29 -23.30 6.61
N GLY B 77 -4.11 -22.40 7.58
CA GLY B 77 -3.22 -22.63 8.68
C GLY B 77 -1.82 -22.31 8.20
N PRO B 78 -0.79 -22.69 8.98
CA PRO B 78 -0.87 -23.51 10.22
C PRO B 78 -1.36 -22.73 11.46
N PRO B 79 -2.36 -23.26 12.21
CA PRO B 79 -2.92 -22.65 13.45
C PRO B 79 -1.94 -21.98 14.43
N HIS B 80 -0.79 -22.61 14.68
CA HIS B 80 0.21 -22.13 15.67
C HIS B 80 1.01 -20.88 15.21
N ALA B 81 0.87 -20.49 13.94
CA ALA B 81 1.53 -19.29 13.43
C ALA B 81 0.78 -17.98 13.71
N PHE B 82 -0.43 -18.06 14.26
CA PHE B 82 -1.34 -16.93 14.42
C PHE B 82 -1.39 -16.35 15.84
N PHE B 83 -1.06 -15.06 15.98
CA PHE B 83 -0.93 -14.33 17.24
C PHE B 83 -1.80 -13.07 17.27
N LEU B 84 -2.22 -12.64 18.47
CA LEU B 84 -2.93 -11.38 18.70
C LEU B 84 -2.10 -10.53 19.67
N VAL B 85 -1.74 -9.29 19.28
CA VAL B 85 -1.22 -8.29 20.17
C VAL B 85 -2.30 -7.24 20.45
N LYS B 86 -2.59 -6.96 21.72
CA LYS B 86 -3.38 -5.78 22.06
C LYS B 86 -2.40 -4.70 22.48
N PHE B 87 -2.51 -3.51 21.87
CA PHE B 87 -1.64 -2.38 22.23
C PHE B 87 -2.41 -1.33 23.01
N TRP B 88 -1.78 -0.81 24.08
CA TRP B 88 -2.22 0.41 24.75
C TRP B 88 -1.21 1.44 24.41
N ALA B 89 -1.56 2.28 23.44
CA ALA B 89 -0.61 3.14 22.77
C ALA B 89 -0.33 4.43 23.52
N ASP B 90 0.87 4.96 23.34
CA ASP B 90 1.26 6.23 23.92
C ASP B 90 1.14 7.31 22.85
N LEU B 91 0.19 8.23 22.97
CA LEU B 91 0.00 9.32 21.97
C LEU B 91 0.40 10.75 22.41
N ASN B 92 1.06 10.91 23.56
CA ASN B 92 1.47 12.24 24.04
C ASN B 92 2.95 12.50 23.78
N TRP B 93 3.26 13.48 22.93
CA TRP B 93 4.64 13.95 22.77
C TRP B 93 4.79 15.48 22.68
N GLY B 110 7.69 15.37 12.14
CA GLY B 110 8.81 14.46 12.40
C GLY B 110 9.01 13.45 11.27
N PHE B 111 9.77 12.39 11.55
CA PHE B 111 9.75 11.19 10.72
C PHE B 111 8.93 10.16 11.49
N TYR B 112 8.03 9.50 10.77
CA TYR B 112 7.13 8.52 11.35
C TYR B 112 7.60 7.22 10.75
N GLY B 113 8.17 6.38 11.61
CA GLY B 113 8.77 5.14 11.21
C GLY B 113 8.19 3.95 11.95
N VAL B 114 8.33 2.81 11.29
CA VAL B 114 8.05 1.50 11.84
C VAL B 114 9.31 0.62 11.70
N SER B 115 9.86 0.16 12.83
CA SER B 115 11.01 -0.78 12.83
C SER B 115 10.56 -2.18 13.26
N SER B 116 10.69 -3.17 12.35
CA SER B 116 10.59 -4.60 12.69
C SER B 116 11.96 -5.30 12.61
N GLN B 117 12.18 -6.28 13.48
CA GLN B 117 13.38 -7.14 13.39
C GLN B 117 12.95 -8.56 13.72
N TYR B 118 13.20 -9.51 12.83
CA TYR B 118 12.89 -10.92 13.08
C TYR B 118 14.17 -11.72 13.17
N GLU B 119 14.04 -13.00 13.51
CA GLU B 119 15.17 -13.92 13.48
C GLU B 119 14.79 -15.38 13.23
N SER B 120 15.77 -16.13 12.73
CA SER B 120 15.60 -17.55 12.43
C SER B 120 16.93 -18.30 12.35
N LEU B 121 16.81 -19.63 12.32
CA LEU B 121 17.94 -20.52 12.06
C LEU B 121 18.07 -20.90 10.61
N GLU B 122 17.02 -20.72 9.81
CA GLU B 122 17.09 -21.00 8.38
C GLU B 122 17.39 -19.72 7.62
N HIS B 123 18.08 -19.86 6.50
CA HIS B 123 18.27 -18.78 5.57
C HIS B 123 17.01 -18.72 4.73
N MET B 124 16.33 -17.58 4.80
CA MET B 124 15.12 -17.34 4.04
C MET B 124 15.11 -15.93 3.46
N THR B 125 14.18 -15.70 2.55
CA THR B 125 13.81 -14.35 2.16
C THR B 125 12.33 -14.12 2.55
N LEU B 126 12.06 -13.04 3.27
CA LEU B 126 10.70 -12.83 3.81
C LEU B 126 9.87 -11.87 2.97
N THR B 127 8.58 -12.19 2.87
CA THR B 127 7.56 -11.24 2.39
C THR B 127 6.70 -10.82 3.57
N CYS B 128 6.66 -9.54 3.86
CA CYS B 128 5.91 -9.02 5.03
C CYS B 128 4.84 -8.09 4.51
N SER B 129 3.58 -8.51 4.55
CA SER B 129 2.47 -7.60 4.26
C SER B 129 1.87 -7.01 5.55
N SER B 130 1.43 -5.77 5.49
CA SER B 130 0.75 -5.13 6.60
C SER B 130 -0.53 -4.62 6.00
N LYS B 131 -1.68 -5.02 6.52
CA LYS B 131 -2.95 -4.48 6.06
C LYS B 131 -3.63 -3.70 7.17
N VAL B 132 -3.68 -2.38 7.03
CA VAL B 132 -4.47 -1.54 7.95
C VAL B 132 -5.96 -1.57 7.59
N CYS B 133 -6.83 -1.97 8.52
CA CYS B 133 -8.26 -2.02 8.27
C CYS B 133 -8.99 -0.96 9.07
N SER B 134 -10.08 -0.49 8.50
CA SER B 134 -10.92 0.51 9.13
C SER B 134 -12.35 0.07 8.90
N PHE B 135 -13.06 -0.13 10.01
CA PHE B 135 -14.42 -0.71 10.01
C PHE B 135 -14.49 -2.05 9.26
N GLY B 136 -13.49 -2.91 9.42
CA GLY B 136 -13.43 -4.20 8.70
C GLY B 136 -12.98 -4.14 7.23
N LYS B 137 -13.02 -2.96 6.63
CA LYS B 137 -12.60 -2.78 5.27
C LYS B 137 -11.13 -2.43 5.28
N GLN B 138 -10.37 -3.05 4.39
CA GLN B 138 -8.97 -2.71 4.21
C GLN B 138 -8.81 -1.33 3.57
N VAL B 139 -7.88 -0.56 4.08
CA VAL B 139 -7.62 0.77 3.63
C VAL B 139 -6.16 0.97 3.22
N VAL B 140 -5.22 0.20 3.78
CA VAL B 140 -3.83 0.22 3.34
C VAL B 140 -3.28 -1.20 3.24
N GLU B 141 -2.46 -1.46 2.21
CA GLU B 141 -1.61 -2.63 2.13
C GLU B 141 -0.20 -2.25 1.71
N LYS B 142 0.75 -2.41 2.63
CA LYS B 142 2.17 -2.20 2.44
C LYS B 142 2.80 -3.59 2.32
N VAL B 143 3.58 -3.83 1.25
CA VAL B 143 4.23 -5.13 0.98
C VAL B 143 5.75 -4.97 0.80
N GLU B 144 6.51 -5.67 1.67
CA GLU B 144 7.97 -5.56 1.75
C GLU B 144 8.69 -6.90 1.68
N THR B 145 9.99 -6.81 1.40
CA THR B 145 10.87 -7.95 1.32
C THR B 145 12.15 -7.68 2.12
N GLU B 146 12.61 -8.73 2.78
CA GLU B 146 13.89 -8.74 3.49
C GLU B 146 14.53 -10.12 3.41
N ARG B 147 15.76 -10.13 2.91
CA ARG B 147 16.57 -11.34 2.74
C ARG B 147 17.34 -11.51 4.04
N ALA B 148 17.53 -12.74 4.49
CA ALA B 148 18.25 -12.99 5.74
C ALA B 148 19.62 -12.37 5.69
N GLN B 149 20.08 -11.93 6.84
CA GLN B 149 21.44 -11.45 7.06
C GLN B 149 22.08 -12.31 8.20
N LEU B 150 23.31 -12.82 8.00
CA LEU B 150 24.05 -13.61 9.06
C LEU B 150 24.68 -12.75 10.18
N GLU B 151 24.47 -13.17 11.43
CA GLU B 151 24.96 -12.44 12.60
C GLU B 151 24.81 -13.31 13.86
N ASP B 152 25.94 -13.57 14.54
CA ASP B 152 25.98 -14.37 15.77
C ASP B 152 25.40 -15.79 15.62
N GLY B 153 25.75 -16.51 14.55
CA GLY B 153 25.28 -17.88 14.36
C GLY B 153 23.77 -18.08 14.17
N ARG B 154 23.09 -17.04 13.72
CA ARG B 154 21.67 -17.09 13.39
C ARG B 154 21.33 -16.02 12.33
N PHE B 155 20.16 -16.14 11.72
CA PHE B 155 19.75 -15.22 10.67
C PHE B 155 18.80 -14.16 11.20
N VAL B 156 19.15 -12.92 10.90
CA VAL B 156 18.40 -11.78 11.35
C VAL B 156 17.77 -11.10 10.10
N TYR B 157 16.57 -10.57 10.27
CA TYR B 157 15.84 -9.89 9.19
C TYR B 157 15.41 -8.53 9.75
N ARG B 158 16.17 -7.49 9.42
CA ARG B 158 15.95 -6.15 9.90
C ARG B 158 15.16 -5.31 8.90
N LEU B 159 13.93 -4.89 9.24
CA LEU B 159 13.13 -3.93 8.42
C LEU B 159 12.94 -2.63 9.24
N LEU B 160 13.97 -1.81 9.16
CA LEU B 160 14.18 -0.72 10.10
C LEU B 160 13.72 0.55 9.41
N ARG B 161 13.15 1.46 10.21
CA ARG B 161 12.71 2.81 9.81
C ARG B 161 12.01 2.89 8.46
N SER B 162 11.12 1.95 8.21
CA SER B 162 10.18 2.05 7.09
C SER B 162 9.26 3.29 7.39
N PRO B 163 9.10 4.24 6.44
CA PRO B 163 8.18 5.35 6.71
C PRO B 163 6.76 4.87 6.84
N MET B 164 6.20 5.09 8.01
CA MET B 164 4.81 4.82 8.27
C MET B 164 4.02 5.50 7.19
N CYS B 165 3.02 4.80 6.67
CA CYS B 165 2.21 5.32 5.59
C CYS B 165 1.45 6.58 6.02
N GLU B 166 1.13 7.41 5.04
CA GLU B 166 0.69 8.76 5.33
C GLU B 166 -0.77 8.77 5.80
N TYR B 167 -1.50 7.70 5.50
CA TYR B 167 -2.83 7.49 6.04
C TYR B 167 -2.73 7.48 7.57
N LEU B 168 -1.88 6.61 8.10
CA LEU B 168 -1.68 6.52 9.54
C LEU B 168 -1.16 7.80 10.14
N VAL B 169 -0.28 8.51 9.43
CA VAL B 169 0.32 9.74 9.99
C VAL B 169 -0.79 10.77 10.21
N ASN B 170 -1.70 10.91 9.25
CA ASN B 170 -2.80 11.86 9.38
C ASN B 170 -3.80 11.45 10.47
N PHE B 171 -4.23 10.18 10.41
CA PHE B 171 -5.00 9.52 11.46
C PHE B 171 -4.45 9.75 12.87
N LEU B 172 -3.12 9.73 13.05
CA LEU B 172 -2.49 9.98 14.36
C LEU B 172 -2.50 11.46 14.74
N HIS B 173 -2.25 12.33 13.77
CA HIS B 173 -2.30 13.77 14.06
CA HIS B 173 -2.32 13.78 14.00
C HIS B 173 -3.69 14.18 14.53
N LYS B 174 -4.72 13.63 13.90
CA LYS B 174 -6.10 13.88 14.29
C LYS B 174 -6.41 13.20 15.63
N LEU B 175 -6.09 11.92 15.74
CA LEU B 175 -6.38 11.15 16.95
C LEU B 175 -5.83 11.84 18.19
N ARG B 176 -4.63 12.39 18.12
CA ARG B 176 -4.02 12.99 19.29
C ARG B 176 -4.73 14.25 19.81
N GLN B 177 -5.52 14.92 18.97
CA GLN B 177 -6.22 16.16 19.36
C GLN B 177 -7.50 15.96 20.18
N LEU B 178 -8.05 14.75 20.15
CA LEU B 178 -9.24 14.41 20.89
C LEU B 178 -9.07 14.68 22.38
N PRO B 179 -10.10 15.21 23.03
CA PRO B 179 -9.90 15.73 24.38
C PRO B 179 -9.93 14.69 25.46
N GLU B 180 -10.36 13.46 25.14
CA GLU B 180 -10.49 12.40 26.11
C GLU B 180 -9.96 11.11 25.56
N ARG B 181 -9.20 10.40 26.37
CA ARG B 181 -8.80 9.02 26.09
C ARG B 181 -9.99 8.15 25.67
N TYR B 182 -11.12 8.22 26.36
CA TYR B 182 -12.26 7.33 26.04
C TYR B 182 -12.80 7.57 24.63
N MET B 183 -12.59 8.77 24.09
CA MET B 183 -12.94 9.05 22.70
C MET B 183 -11.95 8.40 21.72
N MET B 184 -10.66 8.53 22.03
CA MET B 184 -9.60 7.84 21.30
C MET B 184 -9.86 6.35 21.24
N ASN B 185 -10.29 5.75 22.34
CA ASN B 185 -10.63 4.31 22.34
C ASN B 185 -11.86 3.96 21.56
N SER B 186 -12.85 4.83 21.57
CA SER B 186 -14.03 4.63 20.74
C SER B 186 -13.63 4.62 19.26
N VAL B 187 -12.82 5.60 18.88
CA VAL B 187 -12.34 5.75 17.52
C VAL B 187 -11.50 4.52 17.16
N LEU B 188 -10.63 4.09 18.08
CA LEU B 188 -9.74 2.96 17.82
C LEU B 188 -10.45 1.61 17.86
N GLU B 189 -11.66 1.52 18.38
CA GLU B 189 -12.42 0.24 18.35
C GLU B 189 -12.52 -0.33 16.93
N ASN B 190 -12.62 0.53 15.92
CA ASN B 190 -12.89 0.09 14.53
C ASN B 190 -11.65 -0.03 13.64
N PHE B 191 -10.46 0.04 14.25
CA PHE B 191 -9.24 0.21 13.52
C PHE B 191 -8.28 -0.93 13.87
N THR B 192 -7.79 -1.67 12.87
CA THR B 192 -6.95 -2.84 13.15
C THR B 192 -5.87 -3.02 12.13
N ILE B 193 -4.84 -3.78 12.47
CA ILE B 193 -3.75 -4.06 11.57
C ILE B 193 -3.54 -5.56 11.51
N LEU B 194 -3.29 -6.09 10.33
CA LEU B 194 -3.03 -7.53 10.13
C LEU B 194 -1.70 -7.64 9.45
N GLN B 195 -0.79 -8.44 9.99
CA GLN B 195 0.60 -8.45 9.53
C GLN B 195 1.05 -9.87 9.23
N VAL B 196 1.25 -10.18 7.95
CA VAL B 196 1.50 -11.53 7.46
C VAL B 196 2.91 -11.65 6.91
N VAL B 197 3.69 -12.57 7.49
CA VAL B 197 5.04 -12.89 7.05
C VAL B 197 5.04 -14.28 6.45
N THR B 198 5.51 -14.35 5.20
CA THR B 198 5.58 -15.60 4.46
C THR B 198 6.99 -15.80 3.94
N ASN B 199 7.30 -17.06 3.69
CA ASN B 199 8.53 -17.43 3.00
C ASN B 199 8.29 -17.07 1.56
N ARG B 200 9.00 -16.05 1.08
CA ARG B 200 8.85 -15.63 -0.30
C ARG B 200 9.07 -16.81 -1.25
N ASP B 201 10.13 -17.58 -1.02
CA ASP B 201 10.48 -18.71 -1.91
C ASP B 201 9.46 -19.85 -1.93
N THR B 202 8.86 -20.21 -0.81
CA THR B 202 7.86 -21.29 -0.80
C THR B 202 6.40 -20.81 -0.73
N GLN B 203 6.18 -19.52 -0.47
CA GLN B 203 4.83 -18.99 -0.18
C GLN B 203 4.18 -19.54 1.10
N GLU B 204 4.95 -20.23 1.94
CA GLU B 204 4.46 -20.75 3.21
C GLU B 204 4.27 -19.60 4.19
N LEU B 205 3.22 -19.68 4.99
CA LEU B 205 2.99 -18.68 6.03
C LEU B 205 3.89 -18.98 7.17
N LEU B 206 4.59 -17.97 7.65
CA LEU B 206 5.48 -18.09 8.82
C LEU B 206 4.89 -17.44 10.07
N LEU B 207 4.14 -16.35 9.89
CA LEU B 207 3.75 -15.50 11.02
C LEU B 207 2.61 -14.61 10.61
N CYS B 208 1.49 -14.70 11.33
CA CYS B 208 0.35 -13.86 11.07
C CYS B 208 -0.15 -13.23 12.35
N THR B 209 -0.04 -11.92 12.46
CA THR B 209 -0.32 -11.19 13.66
C THR B 209 -1.44 -10.18 13.50
N ALA B 210 -2.49 -10.34 14.30
CA ALA B 210 -3.54 -9.31 14.47
C ALA B 210 -3.17 -8.30 15.56
N TYR B 211 -3.32 -7.02 15.26
CA TYR B 211 -3.10 -5.93 16.23
C TYR B 211 -4.39 -5.15 16.52
N VAL B 212 -4.77 -5.09 17.79
CA VAL B 212 -5.84 -4.16 18.24
C VAL B 212 -5.25 -3.09 19.15
N PHE B 213 -5.99 -2.00 19.33
CA PHE B 213 -5.47 -0.75 19.91
C PHE B 213 -6.40 -0.09 20.94
N GLU B 214 -5.82 0.41 22.02
CA GLU B 214 -6.45 1.42 22.88
C GLU B 214 -5.37 2.42 23.17
N VAL B 215 -5.68 3.38 24.00
CA VAL B 215 -4.71 4.36 24.42
C VAL B 215 -4.45 4.18 25.91
N SER B 216 -3.17 4.19 26.27
CA SER B 216 -2.71 4.21 27.66
C SER B 216 -2.56 5.67 28.05
N THR B 217 -2.50 5.91 29.36
CA THR B 217 -2.28 7.25 29.87
C THR B 217 -0.78 7.58 29.76
N SER B 218 -0.47 8.87 29.75
CA SER B 218 0.91 9.34 29.90
C SER B 218 1.29 9.12 31.33
N GLU B 219 2.58 8.89 31.57
CA GLU B 219 3.09 8.55 32.89
C GLU B 219 2.64 7.12 33.35
N ARG B 220 1.91 6.37 32.51
CA ARG B 220 1.66 4.92 32.71
C ARG B 220 2.17 4.09 31.54
N GLY B 221 2.40 4.73 30.39
CA GLY B 221 3.27 4.18 29.37
C GLY B 221 2.64 3.13 28.47
N ALA B 222 3.22 3.01 27.29
CA ALA B 222 2.85 1.99 26.33
C ALA B 222 2.98 0.56 26.90
N GLN B 223 2.01 -0.30 26.55
CA GLN B 223 1.92 -1.66 27.01
C GLN B 223 1.25 -2.54 25.95
N HIS B 224 1.68 -3.79 25.88
CA HIS B 224 1.07 -4.79 25.01
C HIS B 224 0.82 -6.04 25.78
N HIS B 225 -0.08 -6.86 25.29
CA HIS B 225 -0.26 -8.20 25.79
C HIS B 225 -0.46 -9.10 24.59
N ILE B 226 0.34 -10.17 24.52
CA ILE B 226 0.40 -11.05 23.36
C ILE B 226 -0.38 -12.31 23.67
N TYR B 227 -1.20 -12.75 22.72
CA TYR B 227 -2.08 -13.94 22.84
C TYR B 227 -1.90 -14.91 21.65
N ARG B 228 -2.36 -16.13 21.80
CA ARG B 228 -2.38 -17.11 20.73
C ARG B 228 -3.78 -17.12 20.16
N LEU B 229 -3.87 -17.25 18.85
CA LEU B 229 -5.13 -17.47 18.25
C LEU B 229 -5.32 -18.98 18.16
N VAL B 230 -6.52 -19.43 18.57
CA VAL B 230 -6.85 -20.86 18.64
C VAL B 230 -8.28 -21.01 18.16
N ARG B 231 -8.67 -22.25 17.85
CA ARG B 231 -10.02 -22.56 17.39
C ARG B 231 -10.31 -24.04 17.56
#